data_8UHL
#
_entry.id   8UHL
#
_cell.length_a   55.119
_cell.length_b   55.119
_cell.length_c   140.657
_cell.angle_alpha   90.000
_cell.angle_beta   90.000
_cell.angle_gamma   90.000
#
_symmetry.space_group_name_H-M   'P 41 21 2'
#
loop_
_entity.id
_entity.type
_entity.pdbx_description
1 polymer 'ATPase family AAA domain-containing protein 2B'
2 polymer 'Histone H4'
3 water water
#
loop_
_entity_poly.entity_id
_entity_poly.type
_entity_poly.pdbx_seq_one_letter_code
_entity_poly.pdbx_strand_id
1 'polypeptide(L)'
;GPLEDQEENTLRELRLFLRDVTKRLATDKRFNIFSKPVDIEEVSDYLEVIKEPMDLSTVITKIDKHNYLTAKDFLKDIDL
ICSNALEYNPDKDPGDKIIRHRACTLKDTAHAIIAAELDPEFNKLCEEIKEARIKR
;
A
2 'polypeptide(L)' GKGGKGLG(ALY)GGAKR B,C
#
# COMPACT_ATOMS: atom_id res chain seq x y z
N PRO A 2 3.48 -16.98 26.14
CA PRO A 2 2.87 -16.03 27.08
C PRO A 2 3.21 -14.60 26.70
N LEU A 3 4.52 -14.32 26.66
CA LEU A 3 5.00 -13.14 25.97
C LEU A 3 4.54 -13.18 24.51
N GLU A 4 4.70 -14.35 23.88
CA GLU A 4 4.32 -14.52 22.49
C GLU A 4 2.84 -14.32 22.28
N ASP A 5 2.02 -14.78 23.24
CA ASP A 5 0.58 -14.63 23.08
C ASP A 5 0.14 -13.19 23.24
N GLN A 6 0.76 -12.43 24.16
CA GLN A 6 0.43 -11.01 24.26
C GLN A 6 0.85 -10.27 22.99
N GLU A 7 2.05 -10.56 22.49
CA GLU A 7 2.45 -10.01 21.20
C GLU A 7 1.41 -10.32 20.15
N GLU A 8 0.72 -11.45 20.28
CA GLU A 8 -0.02 -11.90 19.12
C GLU A 8 -1.33 -11.13 19.08
N ASN A 9 -1.85 -10.78 20.28
CA ASN A 9 -3.01 -9.89 20.43
C ASN A 9 -2.75 -8.52 19.82
N THR A 10 -1.62 -7.91 20.18
CA THR A 10 -1.27 -6.61 19.60
C THR A 10 -1.22 -6.69 18.08
N LEU A 11 -0.51 -7.69 17.54
CA LEU A 11 -0.40 -7.83 16.09
C LEU A 11 -1.77 -8.03 15.46
N ARG A 12 -2.67 -8.75 16.12
CA ARG A 12 -4.03 -8.92 15.61
C ARG A 12 -4.75 -7.59 15.57
N GLU A 13 -4.60 -6.79 16.62
CA GLU A 13 -5.18 -5.44 16.62
CA GLU A 13 -5.18 -5.45 16.60
C GLU A 13 -4.60 -4.62 15.47
N LEU A 14 -3.30 -4.74 15.23
CA LEU A 14 -2.70 -4.03 14.10
C LEU A 14 -3.34 -4.45 12.78
N ARG A 15 -3.49 -5.76 12.56
CA ARG A 15 -4.03 -6.21 11.28
C ARG A 15 -5.45 -5.71 11.07
N LEU A 16 -6.27 -5.76 12.12
CA LEU A 16 -7.61 -5.19 12.06
C LEU A 16 -7.56 -3.75 11.61
N PHE A 17 -6.65 -2.97 12.20
CA PHE A 17 -6.52 -1.57 11.81
C PHE A 17 -6.06 -1.46 10.35
N LEU A 18 -5.06 -2.25 9.98
CA LEU A 18 -4.56 -2.18 8.59
C LEU A 18 -5.65 -2.58 7.59
N ARG A 19 -6.47 -3.58 7.95
CA ARG A 19 -7.57 -3.98 7.08
C ARG A 19 -8.59 -2.87 6.94
N ASP A 20 -8.87 -2.18 8.05
CA ASP A 20 -9.81 -1.06 8.03
C ASP A 20 -9.30 0.06 7.13
N VAL A 21 -8.02 0.43 7.28
CA VAL A 21 -7.43 1.46 6.42
C VAL A 21 -7.50 1.04 4.96
N THR A 22 -7.11 -0.20 4.68
CA THR A 22 -7.10 -0.68 3.29
C THR A 22 -8.50 -0.68 2.71
N LYS A 23 -9.49 -1.12 3.51
CA LYS A 23 -10.87 -1.06 3.05
C LYS A 23 -11.27 0.36 2.69
N ARG A 24 -10.86 1.35 3.50
CA ARG A 24 -11.26 2.71 3.18
C ARG A 24 -10.60 3.20 1.90
N LEU A 25 -9.33 2.85 1.68
CA LEU A 25 -8.68 3.22 0.44
C LEU A 25 -9.32 2.52 -0.75
N ALA A 26 -9.67 1.24 -0.60
CA ALA A 26 -10.09 0.47 -1.76
C ALA A 26 -11.52 0.78 -2.17
N THR A 27 -12.32 1.25 -1.23
CA THR A 27 -13.67 1.61 -1.53
C THR A 27 -13.83 3.05 -1.99
N ASP A 28 -12.75 3.79 -2.05
CA ASP A 28 -12.79 5.15 -2.53
C ASP A 28 -12.67 5.01 -4.03
N LYS A 29 -13.66 5.47 -4.77
CA LYS A 29 -13.65 5.37 -6.22
C LYS A 29 -12.39 5.83 -6.93
N ARG A 30 -11.78 6.91 -6.47
CA ARG A 30 -10.59 7.41 -7.06
C ARG A 30 -9.45 6.38 -7.09
N PHE A 31 -9.45 5.43 -6.17
CA PHE A 31 -8.36 4.46 -6.07
C PHE A 31 -8.71 3.10 -6.67
N ASN A 32 -9.80 3.04 -7.44
CA ASN A 32 -10.22 1.77 -8.01
C ASN A 32 -9.12 1.15 -8.85
N ILE A 33 -8.38 1.97 -9.60
CA ILE A 33 -7.34 1.44 -10.45
C ILE A 33 -6.25 0.74 -9.63
N PHE A 34 -6.11 1.05 -8.33
CA PHE A 34 -5.10 0.44 -7.46
C PHE A 34 -5.65 -0.72 -6.64
N SER A 35 -6.91 -1.08 -6.84
CA SER A 35 -7.51 -2.08 -5.97
C SER A 35 -7.26 -3.50 -6.46
N LYS A 36 -6.68 -3.67 -7.65
CA LYS A 36 -6.40 -4.97 -8.23
C LYS A 36 -5.06 -4.86 -8.94
N PRO A 37 -4.34 -5.98 -9.12
CA PRO A 37 -3.08 -5.94 -9.87
C PRO A 37 -3.32 -5.33 -11.24
N VAL A 38 -2.30 -4.65 -11.76
CA VAL A 38 -2.33 -4.26 -13.16
C VAL A 38 -2.48 -5.51 -14.02
N ASP A 39 -3.36 -5.44 -15.01
CA ASP A 39 -3.55 -6.54 -15.95
C ASP A 39 -2.35 -6.58 -16.89
N ILE A 40 -1.45 -7.54 -16.70
CA ILE A 40 -0.19 -7.52 -17.44
C ILE A 40 -0.38 -8.00 -18.86
N GLU A 41 -1.55 -8.51 -19.20
CA GLU A 41 -1.88 -8.85 -20.57
C GLU A 41 -2.29 -7.61 -21.35
N GLU A 42 -3.19 -6.78 -20.80
CA GLU A 42 -3.54 -5.51 -21.44
C GLU A 42 -2.35 -4.55 -21.44
N VAL A 43 -1.74 -4.36 -20.28
CA VAL A 43 -0.63 -3.42 -20.16
C VAL A 43 0.62 -4.25 -20.43
N SER A 44 0.89 -4.48 -21.72
CA SER A 44 1.82 -5.53 -22.09
C SER A 44 3.27 -5.23 -21.72
N ASP A 45 3.61 -3.97 -21.44
CA ASP A 45 4.97 -3.62 -21.06
C ASP A 45 5.11 -3.37 -19.56
N TYR A 46 4.13 -3.77 -18.76
CA TYR A 46 4.15 -3.39 -17.36
C TYR A 46 5.31 -4.05 -16.62
N LEU A 47 5.53 -5.35 -16.84
CA LEU A 47 6.58 -6.03 -16.12
C LEU A 47 7.97 -5.70 -16.63
N GLU A 48 8.10 -5.26 -17.90
CA GLU A 48 9.37 -4.73 -18.39
C GLU A 48 9.78 -3.48 -17.61
N VAL A 49 8.80 -2.66 -17.23
CA VAL A 49 9.09 -1.38 -16.59
C VAL A 49 9.11 -1.50 -15.08
N ILE A 50 8.16 -2.22 -14.50
CA ILE A 50 7.92 -2.23 -13.06
C ILE A 50 8.44 -3.54 -12.49
N LYS A 51 9.43 -3.46 -11.60
CA LYS A 51 10.03 -4.71 -11.14
C LYS A 51 9.27 -5.35 -9.99
N GLU A 52 8.56 -4.57 -9.17
CA GLU A 52 7.74 -5.13 -8.08
C GLU A 52 6.34 -4.55 -8.08
N PRO A 53 5.44 -5.15 -8.86
CA PRO A 53 4.04 -4.72 -8.86
C PRO A 53 3.44 -4.77 -7.46
N MET A 54 2.51 -3.86 -7.19
CA MET A 54 1.80 -3.86 -5.92
C MET A 54 0.47 -3.18 -6.14
N ASP A 55 -0.52 -3.59 -5.33
CA ASP A 55 -1.87 -3.07 -5.40
C ASP A 55 -2.56 -3.38 -4.08
N LEU A 56 -3.75 -2.81 -3.90
CA LEU A 56 -4.43 -2.95 -2.60
C LEU A 56 -4.93 -4.37 -2.32
N SER A 57 -5.34 -5.11 -3.35
CA SER A 57 -5.73 -6.49 -3.08
C SER A 57 -4.53 -7.32 -2.64
N THR A 58 -3.35 -7.05 -3.21
CA THR A 58 -2.17 -7.77 -2.73
C THR A 58 -1.82 -7.35 -1.30
N VAL A 59 -2.02 -6.07 -0.97
CA VAL A 59 -1.77 -5.62 0.40
C VAL A 59 -2.67 -6.36 1.38
N ILE A 60 -3.95 -6.50 1.04
CA ILE A 60 -4.90 -7.26 1.87
C ILE A 60 -4.40 -8.70 2.10
N THR A 61 -4.04 -9.39 1.01
CA THR A 61 -3.38 -10.70 1.13
C THR A 61 -2.23 -10.69 2.11
N LYS A 62 -1.36 -9.68 2.03
CA LYS A 62 -0.17 -9.69 2.87
C LYS A 62 -0.53 -9.45 4.33
N ILE A 63 -1.58 -8.66 4.59
CA ILE A 63 -2.09 -8.51 5.96
C ILE A 63 -2.53 -9.85 6.51
N ASP A 64 -3.34 -10.59 5.72
CA ASP A 64 -3.85 -11.88 6.18
C ASP A 64 -2.75 -12.92 6.32
N LYS A 65 -1.67 -12.81 5.54
CA LYS A 65 -0.48 -13.63 5.69
C LYS A 65 0.40 -13.21 6.86
N HIS A 66 0.03 -12.13 7.55
CA HIS A 66 0.79 -11.63 8.70
C HIS A 66 2.18 -11.16 8.29
N ASN A 67 2.29 -10.58 7.09
CA ASN A 67 3.56 -10.02 6.61
C ASN A 67 3.87 -8.65 7.21
N TYR A 68 2.89 -7.94 7.73
CA TYR A 68 3.11 -6.62 8.29
C TYR A 68 3.06 -6.70 9.81
N LEU A 69 4.17 -6.37 10.46
CA LEU A 69 4.22 -6.22 11.91
C LEU A 69 4.24 -4.76 12.36
N THR A 70 4.33 -3.81 11.44
CA THR A 70 4.21 -2.39 11.78
C THR A 70 3.40 -1.68 10.70
N ALA A 71 2.81 -0.55 11.08
CA ALA A 71 2.17 0.27 10.08
C ALA A 71 3.16 0.74 9.01
N LYS A 72 4.42 0.95 9.40
CA LYS A 72 5.39 1.44 8.40
C LYS A 72 5.68 0.36 7.35
N ASP A 73 5.67 -0.91 7.76
CA ASP A 73 5.83 -2.00 6.79
C ASP A 73 4.69 -1.98 5.76
N PHE A 74 3.47 -1.78 6.23
CA PHE A 74 2.31 -1.61 5.37
C PHE A 74 2.47 -0.38 4.47
N LEU A 75 2.84 0.76 5.07
CA LEU A 75 3.00 1.99 4.28
C LEU A 75 4.06 1.85 3.20
N LYS A 76 5.07 1.00 3.42
CA LYS A 76 6.06 0.80 2.36
C LYS A 76 5.41 0.22 1.11
N ASP A 77 4.40 -0.65 1.29
CA ASP A 77 3.72 -1.22 0.13
C ASP A 77 2.75 -0.22 -0.49
N ILE A 78 2.09 0.60 0.34
CA ILE A 78 1.33 1.70 -0.24
C ILE A 78 2.24 2.60 -1.07
N ASP A 79 3.41 2.94 -0.51
CA ASP A 79 4.35 3.81 -1.20
C ASP A 79 4.78 3.19 -2.52
N LEU A 80 4.90 1.85 -2.55
CA LEU A 80 5.32 1.15 -3.76
C LEU A 80 4.27 1.26 -4.85
N ILE A 81 2.98 1.16 -4.47
CA ILE A 81 1.90 1.38 -5.41
C ILE A 81 2.04 2.75 -6.07
N CYS A 82 2.28 3.78 -5.26
CA CYS A 82 2.45 5.12 -5.83
C CYS A 82 3.74 5.21 -6.65
N SER A 83 4.85 4.69 -6.12
CA SER A 83 6.11 4.75 -6.84
CA SER A 83 6.09 4.77 -6.86
C SER A 83 5.99 4.05 -8.19
N ASN A 84 5.29 2.91 -8.23
CA ASN A 84 5.10 2.18 -9.48
C ASN A 84 4.31 3.00 -10.48
N ALA A 85 3.23 3.63 -10.02
CA ALA A 85 2.37 4.40 -10.91
C ALA A 85 3.14 5.56 -11.54
N LEU A 86 4.03 6.19 -10.78
CA LEU A 86 4.80 7.32 -11.29
C LEU A 86 5.93 6.86 -12.20
N GLU A 87 6.55 5.72 -11.88
CA GLU A 87 7.57 5.19 -12.77
CA GLU A 87 7.57 5.15 -12.76
C GLU A 87 6.96 4.70 -14.09
N TYR A 88 5.76 4.09 -14.04
CA TYR A 88 5.17 3.58 -15.27
C TYR A 88 4.46 4.67 -16.11
N ASN A 89 3.54 5.44 -15.52
CA ASN A 89 2.64 6.28 -16.33
C ASN A 89 3.31 7.57 -16.82
N PRO A 90 3.25 7.84 -18.12
CA PRO A 90 3.74 9.13 -18.65
C PRO A 90 2.95 10.29 -18.05
N ASP A 91 3.48 11.50 -18.24
CA ASP A 91 2.96 12.70 -17.62
CA ASP A 91 2.92 12.70 -17.62
C ASP A 91 2.54 13.75 -18.66
N LYS A 92 2.09 13.32 -19.83
CA LYS A 92 1.72 14.23 -20.90
C LYS A 92 0.20 14.37 -21.05
N ASP A 93 -0.53 13.24 -21.26
CA ASP A 93 -1.96 13.36 -21.49
C ASP A 93 -2.73 13.37 -20.17
N PRO A 94 -3.88 14.05 -20.11
CA PRO A 94 -4.61 14.12 -18.84
C PRO A 94 -5.09 12.76 -18.35
N GLY A 95 -5.37 11.83 -19.25
CA GLY A 95 -5.73 10.49 -18.81
C GLY A 95 -4.58 9.80 -18.07
N ASP A 96 -3.36 10.10 -18.45
CA ASP A 96 -2.22 9.59 -17.68
C ASP A 96 -2.03 10.39 -16.39
N LYS A 97 -2.18 11.72 -16.47
CA LYS A 97 -1.97 12.56 -15.29
C LYS A 97 -2.92 12.18 -14.17
N ILE A 98 -4.15 11.81 -14.52
CA ILE A 98 -5.15 11.42 -13.53
C ILE A 98 -4.68 10.22 -12.74
N ILE A 99 -4.04 9.25 -13.40
CA ILE A 99 -3.53 8.09 -12.69
C ILE A 99 -2.40 8.50 -11.75
N ARG A 100 -1.49 9.36 -12.22
CA ARG A 100 -0.41 9.82 -11.36
C ARG A 100 -0.94 10.65 -10.19
N HIS A 101 -1.94 11.49 -10.45
CA HIS A 101 -2.55 12.23 -9.35
C HIS A 101 -3.19 11.29 -8.36
N ARG A 102 -3.89 10.26 -8.85
CA ARG A 102 -4.54 9.36 -7.91
C ARG A 102 -3.53 8.56 -7.10
N ALA A 103 -2.39 8.22 -7.72
CA ALA A 103 -1.34 7.49 -7.02
C ALA A 103 -0.78 8.30 -5.85
N CYS A 104 -0.40 9.55 -6.12
CA CYS A 104 0.11 10.43 -5.06
C CYS A 104 -0.94 10.67 -4.00
N THR A 105 -2.21 10.81 -4.41
CA THR A 105 -3.29 11.06 -3.45
C THR A 105 -3.57 9.83 -2.60
N LEU A 106 -3.46 8.64 -3.21
CA LEU A 106 -3.57 7.40 -2.43
C LEU A 106 -2.50 7.33 -1.36
N LYS A 107 -1.25 7.64 -1.73
CA LYS A 107 -0.15 7.66 -0.78
C LYS A 107 -0.38 8.67 0.34
N ASP A 108 -0.70 9.92 -0.02
CA ASP A 108 -0.94 10.95 1.00
C ASP A 108 -2.09 10.57 1.91
N THR A 109 -3.17 10.03 1.35
CA THR A 109 -4.30 9.63 2.17
C THR A 109 -3.90 8.55 3.17
N ALA A 110 -3.19 7.52 2.70
CA ALA A 110 -2.79 6.44 3.59
C ALA A 110 -1.93 6.95 4.73
N HIS A 111 -0.93 7.78 4.40
CA HIS A 111 -0.06 8.32 5.45
C HIS A 111 -0.84 9.22 6.40
N ALA A 112 -1.78 10.01 5.86
CA ALA A 112 -2.57 10.91 6.70
C ALA A 112 -3.48 10.14 7.64
N ILE A 113 -4.12 9.06 7.16
CA ILE A 113 -4.97 8.25 8.04
C ILE A 113 -4.13 7.63 9.15
N ILE A 114 -2.97 7.07 8.81
CA ILE A 114 -2.10 6.48 9.83
C ILE A 114 -1.69 7.53 10.85
N ALA A 115 -1.27 8.70 10.37
CA ALA A 115 -0.80 9.75 11.27
C ALA A 115 -1.93 10.24 12.18
N ALA A 116 -3.14 10.31 11.63
CA ALA A 116 -4.29 10.81 12.37
C ALA A 116 -4.83 9.77 13.34
N GLU A 117 -4.80 8.49 12.98
CA GLU A 117 -5.57 7.51 13.72
C GLU A 117 -4.74 6.54 14.53
N LEU A 118 -3.53 6.21 14.14
CA LEU A 118 -2.79 5.16 14.82
C LEU A 118 -2.22 5.71 16.13
N ASP A 119 -2.43 4.98 17.23
CA ASP A 119 -1.92 5.43 18.50
C ASP A 119 -0.40 5.33 18.50
N PRO A 120 0.34 6.41 18.79
CA PRO A 120 1.80 6.35 18.67
C PRO A 120 2.45 5.37 19.63
N GLU A 121 1.88 5.20 20.84
CA GLU A 121 2.40 4.21 21.78
C GLU A 121 2.17 2.80 21.26
N PHE A 122 0.97 2.56 20.73
CA PHE A 122 0.68 1.28 20.10
C PHE A 122 1.63 1.01 18.94
N ASN A 123 1.88 2.02 18.11
CA ASN A 123 2.82 1.85 17.01
C ASN A 123 4.18 1.43 17.52
N LYS A 124 4.67 2.14 18.56
CA LYS A 124 5.95 1.81 19.13
C LYS A 124 5.97 0.39 19.69
N LEU A 125 4.89 -0.04 20.32
CA LEU A 125 4.83 -1.42 20.80
C LEU A 125 4.94 -2.39 19.63
N CYS A 126 4.27 -2.08 18.51
CA CYS A 126 4.40 -2.93 17.31
C CYS A 126 5.86 -3.01 16.86
N GLU A 127 6.55 -1.87 16.86
CA GLU A 127 7.93 -1.85 16.40
C GLU A 127 8.81 -2.70 17.30
N GLU A 128 8.50 -2.71 18.60
CA GLU A 128 9.25 -3.53 19.55
C GLU A 128 9.01 -5.01 19.32
N ILE A 129 7.77 -5.38 19.02
CA ILE A 129 7.46 -6.76 18.71
C ILE A 129 8.23 -7.20 17.47
N LYS A 130 8.22 -6.37 16.41
CA LYS A 130 9.03 -6.65 15.23
C LYS A 130 10.50 -6.83 15.59
N GLU A 131 11.09 -5.83 16.24
CA GLU A 131 12.47 -5.95 16.66
C GLU A 131 12.72 -7.18 17.52
N ALA A 132 11.82 -7.49 18.46
CA ALA A 132 12.02 -8.66 19.31
C ALA A 132 12.11 -9.94 18.49
N ARG A 133 11.19 -10.11 17.54
CA ARG A 133 11.15 -11.33 16.75
C ARG A 133 12.36 -11.46 15.84
N ILE A 134 12.83 -10.35 15.27
CA ILE A 134 14.08 -10.35 14.51
C ILE A 134 15.23 -10.91 15.35
N LYS A 135 15.33 -10.44 16.60
CA LYS A 135 16.52 -10.71 17.41
C LYS A 135 16.42 -11.98 18.26
N ARG A 136 15.22 -12.52 18.49
CA ARG A 136 15.10 -13.74 19.29
C ARG A 136 15.61 -14.97 18.56
N GLY B 3 9.63 10.38 -13.93
CA GLY B 3 9.53 8.97 -14.29
C GLY B 3 8.81 8.73 -15.61
N GLY B 4 7.68 8.03 -15.57
CA GLY B 4 6.83 7.87 -16.73
C GLY B 4 7.42 7.10 -17.89
N LYS B 5 7.89 5.87 -17.65
CA LYS B 5 8.65 5.12 -18.64
C LYS B 5 7.81 4.22 -19.53
N GLY B 6 6.57 3.90 -19.15
CA GLY B 6 5.80 2.93 -19.90
C GLY B 6 4.96 3.52 -21.03
N LEU B 7 4.36 2.62 -21.83
CA LEU B 7 3.50 3.06 -22.92
C LEU B 7 2.27 3.80 -22.40
N GLY B 8 1.66 3.31 -21.33
CA GLY B 8 0.46 3.92 -20.81
C GLY B 8 -0.70 2.96 -20.68
N GLY B 10 -3.90 3.85 -21.25
CA GLY B 10 -4.99 4.20 -22.14
C GLY B 10 -4.61 4.21 -23.61
N GLY B 11 -5.56 4.52 -24.48
CA GLY B 11 -5.22 4.59 -25.89
C GLY B 11 -5.04 3.21 -26.49
N ALA B 12 -4.52 3.20 -27.71
CA ALA B 12 -4.52 1.98 -28.49
C ALA B 12 -3.40 1.01 -28.11
N LYS B 13 -2.21 1.52 -27.78
CA LYS B 13 -1.11 0.67 -27.37
C LYS B 13 -0.83 0.87 -25.88
N ARG B 14 -0.93 -0.21 -25.13
CA ARG B 14 -0.95 -0.15 -23.67
C ARG B 14 0.20 -1.00 -23.15
N GLY C 11 -7.00 -1.70 21.38
CA GLY C 11 -7.26 -1.01 20.12
C GLY C 11 -6.03 -0.32 19.55
N ALA C 12 -5.91 -0.31 18.22
CA ALA C 12 -4.79 0.35 17.57
C ALA C 12 -4.93 1.87 17.49
N LYS C 13 -6.16 2.39 17.55
CA LYS C 13 -6.42 3.78 17.24
C LYS C 13 -6.28 4.65 18.48
N ARG C 14 -6.07 5.93 18.25
CA ARG C 14 -6.01 6.87 19.35
C ARG C 14 -7.29 6.80 20.18
#